data_3TMM
#
_entry.id   3TMM
#
_cell.length_a   68.438
_cell.length_b   81.911
_cell.length_c   161.254
_cell.angle_alpha   90.00
_cell.angle_beta   90.00
_cell.angle_gamma   90.00
#
_symmetry.space_group_name_H-M   'C 2 2 21'
#
loop_
_entity.id
_entity.type
_entity.pdbx_description
1 polymer 'Transcription factor A, mitochondrial'
2 polymer 'DNA (28-MER)'
3 polymer 'DNA (28-MER)'
4 water water
#
loop_
_entity_poly.entity_id
_entity_poly.type
_entity_poly.pdbx_seq_one_letter_code
_entity_poly.pdbx_strand_id
1 'polypeptide(L)'
;(MSE)GSSHHHHHHSSGLVPRGSH(MSE)AS(MSE)TGGQQ(MSE)GRGSSSVLASCPKKPVSSYLRFSKEQLPIFKAQN
PDAKTTELIRRIAQRWRELPDSKKKIYQDAYRAEWQVYKEEISRFKEQLTPSQI(MSE)SLEKEI(MSE)DKHLKRKA
(MSE)TKKKELTLLGKPKRPRSAYNVYVAERFQEAKGDSPQEKLKTVKENWKNLSDSEKELYIQHAKEDETRYHNE
(MSE)KSWEEQ(MSE)IEVGRKDLLRRTIKKQRKYGAEEC
;
A
2 'polydeoxyribonucleotide'
;(DT)(DG)(DT)(DT)(DA)(DG)(DT)(DT)(DG)(DG)(DG)(DG)(DG)(DG)(DT)(DG)(DA)(DC)(DT)(DG)
(DT)(DT)(DA)(DA)(DA)(DA)(DG)(DT)
;
B
3 'polydeoxyribonucleotide'
;(DA)(DC)(DT)(DT)(DT)(DT)(DA)(DA)(DC)(DA)(DG)(DT)(DC)(DA)(DC)(DC)(DC)(DC)(DC)(DC)
(DA)(DA)(DC)(DT)(DA)(DA)(DC)(DA)
;
C
#
loop_
_chem_comp.id
_chem_comp.type
_chem_comp.name
_chem_comp.formula
DA DNA linking 2'-DEOXYADENOSINE-5'-MONOPHOSPHATE 'C10 H14 N5 O6 P'
DC DNA linking 2'-DEOXYCYTIDINE-5'-MONOPHOSPHATE 'C9 H14 N3 O7 P'
DG DNA linking 2'-DEOXYGUANOSINE-5'-MONOPHOSPHATE 'C10 H14 N5 O7 P'
DT DNA linking THYMIDINE-5'-MONOPHOSPHATE 'C10 H15 N2 O8 P'
#
# COMPACT_ATOMS: atom_id res chain seq x y z
N SER A 35 -6.00 -14.34 16.16
CA SER A 35 -7.09 -15.06 15.51
C SER A 35 -6.91 -15.08 14.00
N SER A 36 -5.67 -15.29 13.54
CA SER A 36 -5.40 -15.29 12.12
C SER A 36 -4.75 -16.59 11.64
N VAL A 37 -5.52 -17.40 10.96
CA VAL A 37 -5.01 -18.65 10.43
C VAL A 37 -3.82 -18.34 9.52
N LEU A 38 -3.99 -17.32 8.69
CA LEU A 38 -3.01 -17.00 7.67
C LEU A 38 -1.62 -16.75 8.24
N ALA A 39 -1.56 -16.11 9.39
CA ALA A 39 -0.26 -15.75 9.95
C ALA A 39 0.46 -17.02 10.40
N SER A 40 -0.30 -18.04 10.81
CA SER A 40 0.31 -19.27 11.28
C SER A 40 0.55 -20.26 10.15
N CYS A 41 0.08 -19.91 8.95
CA CYS A 41 0.28 -20.73 7.76
C CYS A 41 1.76 -20.82 7.37
N PRO A 42 2.28 -22.04 7.13
CA PRO A 42 3.65 -22.32 6.67
C PRO A 42 3.95 -21.57 5.39
N LYS A 43 5.05 -20.85 5.30
CA LYS A 43 5.37 -20.13 4.08
C LYS A 43 6.38 -20.86 3.21
N LYS A 44 6.34 -20.56 1.91
CA LYS A 44 7.22 -21.19 0.95
C LYS A 44 8.66 -20.92 1.32
N PRO A 45 9.53 -21.91 1.10
CA PRO A 45 10.97 -21.69 1.28
C PRO A 45 11.47 -20.72 0.23
N VAL A 46 12.48 -19.94 0.59
CA VAL A 46 13.11 -18.99 -0.30
C VAL A 46 13.91 -19.71 -1.39
N SER A 47 13.80 -19.22 -2.62
CA SER A 47 14.57 -19.82 -3.70
C SER A 47 16.03 -19.37 -3.65
N SER A 48 16.85 -19.93 -4.54
CA SER A 48 18.30 -19.85 -4.41
C SER A 48 18.88 -18.44 -4.27
N TYR A 49 18.67 -17.57 -5.27
CA TYR A 49 19.22 -16.23 -5.19
C TYR A 49 18.91 -15.52 -3.87
N LEU A 50 17.64 -15.50 -3.49
CA LEU A 50 17.20 -14.81 -2.30
C LEU A 50 17.86 -15.34 -1.02
N ARG A 51 18.13 -16.64 -1.00
CA ARG A 51 18.79 -17.24 0.16
C ARG A 51 20.16 -16.61 0.26
N PHE A 52 20.80 -16.51 -0.89
CA PHE A 52 22.09 -15.89 -1.04
C PHE A 52 22.01 -14.45 -0.60
N SER A 53 21.02 -13.73 -1.11
CA SER A 53 20.83 -12.32 -0.81
C SER A 53 20.61 -12.10 0.66
N LYS A 54 19.85 -12.98 1.29
CA LYS A 54 19.48 -12.82 2.67
C LYS A 54 20.72 -12.89 3.59
N GLU A 55 21.72 -13.64 3.13
CA GLU A 55 22.94 -13.88 3.90
C GLU A 55 24.00 -12.84 3.57
N GLN A 56 24.02 -12.44 2.30
CA GLN A 56 24.97 -11.44 1.80
C GLN A 56 24.73 -10.03 2.30
N LEU A 57 23.46 -9.62 2.36
CA LEU A 57 23.12 -8.26 2.73
C LEU A 57 23.74 -7.78 4.08
N PRO A 58 23.61 -8.59 5.14
CA PRO A 58 24.15 -8.06 6.39
C PRO A 58 25.66 -7.90 6.27
N ILE A 59 26.29 -8.70 5.43
CA ILE A 59 27.73 -8.59 5.24
C ILE A 59 28.05 -7.33 4.46
N PHE A 60 27.36 -7.12 3.35
CA PHE A 60 27.60 -5.92 2.57
C PHE A 60 27.32 -4.68 3.40
N LYS A 61 26.31 -4.76 4.25
CA LYS A 61 25.92 -3.63 5.07
C LYS A 61 27.02 -3.31 6.11
N ALA A 62 27.66 -4.36 6.61
CA ALA A 62 28.73 -4.19 7.60
C ALA A 62 29.92 -3.48 6.97
N GLN A 63 30.24 -3.87 5.75
CA GLN A 63 31.41 -3.33 5.05
C GLN A 63 31.09 -2.02 4.34
N ASN A 64 29.81 -1.74 4.14
CA ASN A 64 29.38 -0.50 3.49
C ASN A 64 28.20 0.14 4.23
N PRO A 65 28.46 0.62 5.46
CA PRO A 65 27.45 1.06 6.43
C PRO A 65 26.58 2.24 5.98
N ASP A 66 27.10 3.04 5.06
CA ASP A 66 26.42 4.28 4.68
C ASP A 66 25.74 4.16 3.32
N ALA A 67 26.09 3.11 2.59
CA ALA A 67 25.53 2.89 1.26
C ALA A 67 24.08 2.50 1.37
N LYS A 68 23.29 2.89 0.37
CA LYS A 68 21.87 2.56 0.40
C LYS A 68 21.67 1.11 -0.01
N THR A 69 20.70 0.49 0.64
CA THR A 69 20.38 -0.91 0.40
C THR A 69 20.13 -1.20 -1.08
N THR A 70 19.36 -0.34 -1.73
CA THR A 70 19.29 -0.28 -3.17
C THR A 70 20.59 -0.77 -3.82
N GLU A 71 21.65 -0.03 -3.55
CA GLU A 71 22.92 -0.23 -4.22
C GLU A 71 23.58 -1.52 -3.82
N LEU A 72 23.39 -1.94 -2.58
CA LEU A 72 24.05 -3.15 -2.12
C LEU A 72 23.46 -4.36 -2.84
N ILE A 73 22.14 -4.35 -2.99
CA ILE A 73 21.43 -5.44 -3.63
C ILE A 73 21.88 -5.63 -5.07
N ARG A 74 22.03 -4.52 -5.78
CA ARG A 74 22.51 -4.58 -7.15
C ARG A 74 23.85 -5.30 -7.19
N ARG A 75 24.76 -4.87 -6.33
CA ARG A 75 26.08 -5.45 -6.26
C ARG A 75 26.04 -6.92 -5.84
N ILE A 76 25.04 -7.26 -5.04
CA ILE A 76 24.87 -8.64 -4.59
C ILE A 76 24.38 -9.53 -5.72
N ALA A 77 23.49 -8.99 -6.55
CA ALA A 77 22.96 -9.72 -7.70
C ALA A 77 24.10 -9.96 -8.66
N GLN A 78 24.98 -8.97 -8.78
CA GLN A 78 26.14 -9.14 -9.63
C GLN A 78 27.03 -10.26 -9.08
N ARG A 79 27.21 -10.29 -7.77
CA ARG A 79 27.97 -11.38 -7.18
C ARG A 79 27.33 -12.71 -7.57
N TRP A 80 26.01 -12.77 -7.47
CA TRP A 80 25.30 -14.00 -7.78
C TRP A 80 25.47 -14.40 -9.23
N ARG A 81 25.41 -13.41 -10.12
CA ARG A 81 25.51 -13.71 -11.54
C ARG A 81 26.87 -14.31 -11.87
N GLU A 82 27.92 -13.78 -11.24
CA GLU A 82 29.29 -14.22 -11.47
C GLU A 82 29.58 -15.54 -10.78
N LEU A 83 28.76 -15.90 -9.81
CA LEU A 83 28.97 -17.10 -9.02
C LEU A 83 28.83 -18.31 -9.93
N PRO A 84 29.81 -19.22 -9.89
CA PRO A 84 29.81 -20.39 -10.76
C PRO A 84 28.60 -21.27 -10.49
N ASP A 85 28.03 -21.81 -11.57
CA ASP A 85 26.83 -22.65 -11.52
C ASP A 85 26.92 -23.75 -10.47
N SER A 86 28.12 -24.30 -10.31
CA SER A 86 28.32 -25.37 -9.36
C SER A 86 28.02 -24.89 -7.94
N LYS A 87 28.27 -23.61 -7.71
CA LYS A 87 28.01 -22.96 -6.42
C LYS A 87 26.53 -22.64 -6.21
N LYS A 88 25.87 -22.12 -7.23
CA LYS A 88 24.44 -21.87 -7.14
C LYS A 88 23.69 -23.18 -6.86
N LYS A 89 24.13 -24.27 -7.49
CA LYS A 89 23.51 -25.57 -7.32
C LYS A 89 23.38 -25.93 -5.85
N ILE A 90 24.35 -25.49 -5.05
CA ILE A 90 24.34 -25.79 -3.63
C ILE A 90 23.10 -25.18 -3.00
N TYR A 91 22.85 -23.92 -3.35
CA TYR A 91 21.68 -23.18 -2.87
C TYR A 91 20.41 -23.84 -3.38
N GLN A 92 20.41 -24.17 -4.66
CA GLN A 92 19.24 -24.79 -5.26
C GLN A 92 18.92 -26.10 -4.57
N ASP A 93 19.94 -26.89 -4.25
CA ASP A 93 19.73 -28.18 -3.58
C ASP A 93 19.02 -27.96 -2.26
N ALA A 94 19.46 -26.95 -1.53
CA ALA A 94 18.84 -26.59 -0.26
C ALA A 94 17.39 -26.22 -0.47
N TYR A 95 17.14 -25.36 -1.45
CA TYR A 95 15.77 -24.95 -1.74
C TYR A 95 14.90 -26.18 -2.05
N ARG A 96 15.39 -27.07 -2.90
CA ARG A 96 14.58 -28.23 -3.27
C ARG A 96 14.25 -29.10 -2.07
N ALA A 97 15.19 -29.20 -1.14
CA ALA A 97 14.97 -29.96 0.08
C ALA A 97 13.95 -29.26 0.96
N GLU A 98 13.99 -27.93 0.94
CA GLU A 98 13.12 -27.12 1.77
C GLU A 98 11.72 -27.25 1.19
N TRP A 99 11.65 -27.35 -0.14
CA TRP A 99 10.37 -27.55 -0.78
C TRP A 99 9.68 -28.81 -0.29
N GLN A 100 10.44 -29.87 -0.08
CA GLN A 100 9.89 -31.13 0.40
C GLN A 100 9.32 -31.02 1.81
N VAL A 101 9.99 -30.28 2.68
CA VAL A 101 9.46 -30.10 4.02
C VAL A 101 8.25 -29.17 3.99
N TYR A 102 8.25 -28.25 3.03
CA TYR A 102 7.11 -27.38 2.89
C TYR A 102 5.87 -28.16 2.43
N LYS A 103 6.05 -29.06 1.48
CA LYS A 103 4.93 -29.87 1.03
C LYS A 103 4.33 -30.58 2.22
N GLU A 104 5.18 -31.14 3.08
CA GLU A 104 4.66 -31.85 4.24
C GLU A 104 3.97 -30.89 5.22
N GLU A 105 4.55 -29.72 5.46
CA GLU A 105 4.03 -28.79 6.47
C GLU A 105 2.67 -28.24 6.07
N ILE A 106 2.57 -27.78 4.83
CA ILE A 106 1.35 -27.17 4.35
C ILE A 106 0.16 -28.15 4.34
N SER A 107 0.40 -29.41 4.00
CA SER A 107 -0.66 -30.42 3.96
C SER A 107 -1.18 -30.69 5.35
N ARG A 108 -0.26 -30.99 6.26
CA ARG A 108 -0.63 -31.30 7.63
C ARG A 108 -1.44 -30.15 8.21
N PHE A 109 -0.99 -28.93 7.92
CA PHE A 109 -1.63 -27.70 8.39
C PHE A 109 -3.05 -27.59 7.84
N LYS A 110 -3.17 -27.68 6.53
CA LYS A 110 -4.48 -27.60 5.91
C LYS A 110 -5.41 -28.67 6.45
N GLU A 111 -4.93 -29.90 6.56
CA GLU A 111 -5.79 -30.99 7.00
C GLU A 111 -6.24 -30.81 8.44
N GLN A 112 -5.48 -30.02 9.19
CA GLN A 112 -5.73 -29.80 10.61
C GLN A 112 -6.80 -28.72 10.82
N LEU A 113 -7.01 -27.92 9.78
CA LEU A 113 -7.95 -26.80 9.82
C LEU A 113 -9.43 -27.24 9.76
N THR A 114 -10.26 -26.66 10.64
CA THR A 114 -11.70 -26.85 10.58
C THR A 114 -12.26 -26.02 9.42
N PRO A 115 -13.49 -26.33 8.98
CA PRO A 115 -14.11 -25.61 7.87
C PRO A 115 -14.16 -24.10 8.10
N SER A 116 -14.62 -23.65 9.25
CA SER A 116 -14.62 -22.20 9.53
C SER A 116 -13.21 -21.60 9.44
N GLN A 117 -12.18 -22.33 9.85
CA GLN A 117 -10.81 -21.81 9.77
C GLN A 117 -10.35 -21.71 8.32
N ILE A 118 -10.70 -22.73 7.54
CA ILE A 118 -10.42 -22.70 6.13
C ILE A 118 -11.07 -21.46 5.50
N MSE A 119 -12.30 -21.17 5.93
CA MSE A 119 -13.05 -20.06 5.36
C MSE A 119 -12.42 -18.70 5.65
O MSE A 119 -12.36 -17.83 4.78
CB MSE A 119 -14.49 -20.10 5.86
CG MSE A 119 -15.41 -19.10 5.16
SE MSE A 119 -17.24 -19.12 5.87
CE MSE A 119 -18.03 -17.70 4.75
N SER A 120 -11.95 -18.52 6.88
CA SER A 120 -11.35 -17.25 7.26
C SER A 120 -9.97 -17.11 6.63
N LEU A 121 -9.25 -18.22 6.53
CA LEU A 121 -7.98 -18.22 5.80
C LEU A 121 -8.18 -17.76 4.36
N GLU A 122 -9.27 -18.20 3.76
CA GLU A 122 -9.52 -17.82 2.37
C GLU A 122 -9.88 -16.34 2.25
N LYS A 123 -10.70 -15.85 3.18
CA LYS A 123 -11.06 -14.45 3.19
C LYS A 123 -9.82 -13.59 3.43
N GLU A 124 -8.97 -14.02 4.36
CA GLU A 124 -7.78 -13.27 4.69
C GLU A 124 -6.90 -13.16 3.46
N ILE A 125 -6.82 -14.25 2.72
CA ILE A 125 -5.98 -14.26 1.54
C ILE A 125 -6.62 -13.35 0.50
N MSE A 126 -7.92 -13.51 0.32
CA MSE A 126 -8.70 -12.64 -0.53
C MSE A 126 -8.51 -11.16 -0.16
O MSE A 126 -8.16 -10.33 -1.01
CB MSE A 126 -10.18 -13.02 -0.42
CG MSE A 126 -11.10 -12.27 -1.37
SE MSE A 126 -10.52 -12.53 -3.21
CE MSE A 126 -11.62 -14.09 -3.64
N ASP A 127 -8.75 -10.82 1.09
CA ASP A 127 -8.64 -9.42 1.50
C ASP A 127 -7.21 -8.92 1.25
N LYS A 128 -6.23 -9.74 1.60
CA LYS A 128 -4.85 -9.34 1.46
C LYS A 128 -4.53 -8.99 0.00
N HIS A 129 -5.10 -9.76 -0.91
CA HIS A 129 -4.85 -9.60 -2.34
C HIS A 129 -5.43 -8.31 -2.88
N LEU A 130 -6.70 -8.05 -2.55
CA LEU A 130 -7.36 -6.84 -3.02
C LEU A 130 -6.70 -5.58 -2.48
N LYS A 131 -6.30 -5.62 -1.21
CA LYS A 131 -5.63 -4.48 -0.59
C LYS A 131 -4.29 -4.21 -1.28
N ARG A 132 -3.56 -5.27 -1.60
CA ARG A 132 -2.30 -5.13 -2.31
C ARG A 132 -2.53 -4.51 -3.69
N LYS A 133 -3.59 -4.93 -4.38
CA LYS A 133 -3.86 -4.39 -5.72
C LYS A 133 -4.27 -2.92 -5.63
N ALA A 134 -5.13 -2.60 -4.66
CA ALA A 134 -5.56 -1.23 -4.45
C ALA A 134 -4.37 -0.31 -4.23
N MSE A 135 -3.55 -0.63 -3.22
CA MSE A 135 -2.40 0.20 -2.90
C MSE A 135 -1.49 0.40 -4.11
O MSE A 135 -1.01 1.51 -4.37
CB MSE A 135 -1.59 -0.40 -1.75
CG MSE A 135 -2.04 0.08 -0.39
SE MSE A 135 -0.81 -0.39 1.03
CE MSE A 135 0.83 0.40 0.30
N THR A 136 -1.28 -0.67 -4.84
CA THR A 136 -0.45 -0.60 -6.02
C THR A 136 -1.01 0.44 -6.99
N LYS A 137 -2.34 0.47 -7.14
CA LYS A 137 -2.94 1.41 -8.09
C LYS A 137 -2.85 2.83 -7.56
N LYS A 138 -3.06 2.98 -6.26
CA LYS A 138 -2.95 4.27 -5.58
C LYS A 138 -1.53 4.84 -5.69
N LYS A 139 -0.55 4.00 -5.41
CA LYS A 139 0.84 4.44 -5.46
C LYS A 139 1.19 4.91 -6.87
N GLU A 140 0.63 4.25 -7.87
CA GLU A 140 0.78 4.66 -9.25
C GLU A 140 0.21 6.06 -9.51
N LEU A 141 -1.06 6.25 -9.20
CA LEU A 141 -1.72 7.51 -9.49
C LEU A 141 -0.97 8.65 -8.85
N THR A 142 -0.43 8.37 -7.67
CA THR A 142 0.32 9.37 -6.93
C THR A 142 1.64 9.76 -7.61
N LEU A 143 2.31 8.76 -8.16
CA LEU A 143 3.48 9.02 -8.99
C LEU A 143 3.09 9.79 -10.25
N LEU A 144 1.90 9.50 -10.77
CA LEU A 144 1.42 10.19 -11.97
C LEU A 144 0.88 11.58 -11.68
N GLY A 145 0.83 11.94 -10.39
CA GLY A 145 0.40 13.27 -9.98
C GLY A 145 -1.08 13.53 -10.19
N LYS A 146 -1.93 12.58 -9.81
CA LYS A 146 -3.37 12.78 -9.90
C LYS A 146 -3.85 13.72 -8.80
N PRO A 147 -4.62 14.74 -9.19
CA PRO A 147 -5.23 15.72 -8.29
C PRO A 147 -6.15 15.10 -7.25
N LYS A 148 -5.94 15.45 -5.99
CA LYS A 148 -6.88 15.12 -4.94
C LYS A 148 -8.28 15.57 -5.35
N ARG A 149 -9.28 14.79 -5.00
CA ARG A 149 -10.68 15.16 -5.23
C ARG A 149 -11.05 16.43 -4.42
N PRO A 150 -12.20 17.05 -4.72
CA PRO A 150 -12.57 18.31 -4.06
C PRO A 150 -12.84 18.17 -2.55
N ARG A 151 -12.53 19.21 -1.79
CA ARG A 151 -12.91 19.20 -0.38
C ARG A 151 -14.34 19.69 -0.21
N SER A 152 -15.11 18.99 0.59
CA SER A 152 -16.45 19.47 0.94
C SER A 152 -16.37 20.59 1.98
N ALA A 153 -17.48 21.30 2.16
CA ALA A 153 -17.55 22.34 3.17
C ALA A 153 -17.26 21.68 4.51
N TYR A 154 -17.81 20.50 4.70
CA TYR A 154 -17.52 19.77 5.92
C TYR A 154 -16.00 19.49 6.08
N ASN A 155 -15.33 19.05 5.02
CA ASN A 155 -13.89 18.83 5.09
C ASN A 155 -13.21 20.09 5.57
N VAL A 156 -13.63 21.22 4.99
CA VAL A 156 -13.01 22.50 5.29
C VAL A 156 -13.24 22.85 6.75
N TYR A 157 -14.42 22.51 7.22
CA TYR A 157 -14.79 22.77 8.60
C TYR A 157 -13.87 22.01 9.56
N VAL A 158 -13.65 20.72 9.29
CA VAL A 158 -12.79 19.88 10.11
C VAL A 158 -11.36 20.42 10.16
N ALA A 159 -10.90 20.92 9.02
CA ALA A 159 -9.55 21.42 8.90
C ALA A 159 -9.35 22.70 9.72
N GLU A 160 -10.40 23.50 9.82
CA GLU A 160 -10.36 24.75 10.56
C GLU A 160 -10.55 24.49 12.06
N ARG A 161 -11.34 23.49 12.41
CA ARG A 161 -11.82 23.37 13.79
C ARG A 161 -11.29 22.20 14.60
N PHE A 162 -10.64 21.26 13.93
CA PHE A 162 -10.11 20.09 14.61
C PHE A 162 -9.21 20.45 15.81
N GLN A 163 -8.22 21.29 15.57
CA GLN A 163 -7.19 21.58 16.56
C GLN A 163 -7.73 22.07 17.93
N GLU A 164 -8.74 22.93 17.90
CA GLU A 164 -9.27 23.55 19.13
C GLU A 164 -10.41 22.73 19.72
N ALA A 165 -10.78 21.66 19.03
CA ALA A 165 -11.87 20.78 19.46
C ALA A 165 -11.44 19.93 20.65
N LYS A 166 -12.28 19.86 21.67
CA LYS A 166 -11.95 19.07 22.85
C LYS A 166 -12.09 17.57 22.59
N GLY A 167 -11.29 16.77 23.30
CA GLY A 167 -11.24 15.34 23.07
C GLY A 167 -9.90 14.68 23.37
N ASP A 168 -9.96 13.47 23.93
CA ASP A 168 -8.76 12.72 24.32
C ASP A 168 -8.03 12.13 23.12
N SER A 169 -8.69 12.09 21.98
CA SER A 169 -8.14 11.42 20.80
C SER A 169 -8.65 12.08 19.52
N PRO A 170 -7.97 11.81 18.40
CA PRO A 170 -8.49 12.29 17.12
C PRO A 170 -9.90 11.79 16.89
N GLN A 171 -10.24 10.57 17.33
CA GLN A 171 -11.58 10.03 17.13
C GLN A 171 -12.61 10.83 17.91
N GLU A 172 -12.23 11.22 19.12
CA GLU A 172 -13.11 11.97 20.01
C GLU A 172 -13.19 13.42 19.53
N LYS A 173 -12.05 13.95 19.09
CA LYS A 173 -11.97 15.34 18.66
C LYS A 173 -12.68 15.55 17.34
N LEU A 174 -12.81 14.48 16.58
CA LEU A 174 -13.57 14.52 15.33
C LEU A 174 -15.03 14.47 15.69
N LYS A 175 -15.39 13.66 16.69
CA LYS A 175 -16.79 13.57 17.08
C LYS A 175 -17.28 14.93 17.59
N THR A 176 -16.43 15.59 18.36
CA THR A 176 -16.69 16.95 18.83
C THR A 176 -17.05 17.88 17.68
N VAL A 177 -16.19 17.90 16.66
CA VAL A 177 -16.37 18.75 15.49
C VAL A 177 -17.66 18.40 14.72
N LYS A 178 -17.91 17.10 14.60
CA LYS A 178 -19.06 16.56 13.92
C LYS A 178 -20.34 17.12 14.53
N GLU A 179 -20.37 17.15 15.85
CA GLU A 179 -21.53 17.59 16.61
C GLU A 179 -21.78 19.09 16.41
N ASN A 180 -20.70 19.87 16.45
CA ASN A 180 -20.81 21.31 16.35
C ASN A 180 -21.18 21.71 14.95
N TRP A 181 -20.70 20.92 13.99
CA TRP A 181 -21.08 21.09 12.61
C TRP A 181 -22.59 20.89 12.42
N LYS A 182 -23.14 19.83 13.01
CA LYS A 182 -24.57 19.54 12.82
C LYS A 182 -25.43 20.67 13.35
N ASN A 183 -24.85 21.43 14.28
CA ASN A 183 -25.52 22.56 14.87
C ASN A 183 -25.25 23.90 14.20
N LEU A 184 -24.40 23.91 13.19
CA LEU A 184 -24.09 25.17 12.50
C LEU A 184 -25.29 25.66 11.74
N SER A 185 -25.45 26.97 11.68
CA SER A 185 -26.53 27.59 10.91
C SER A 185 -26.06 27.71 9.48
N ASP A 186 -26.93 28.12 8.57
CA ASP A 186 -26.53 28.30 7.19
C ASP A 186 -25.56 29.46 7.02
N SER A 187 -25.71 30.50 7.84
CA SER A 187 -24.83 31.67 7.68
C SER A 187 -23.48 31.36 8.26
N GLU A 188 -23.48 30.67 9.39
CA GLU A 188 -22.22 30.23 9.98
C GLU A 188 -21.42 29.35 9.01
N LYS A 189 -22.10 28.79 8.02
CA LYS A 189 -21.47 27.83 7.14
C LYS A 189 -20.85 28.50 5.93
N GLU A 190 -21.11 29.78 5.77
CA GLU A 190 -20.78 30.43 4.52
C GLU A 190 -19.32 30.37 4.09
N LEU A 191 -18.39 30.55 5.03
CA LEU A 191 -16.98 30.51 4.68
C LEU A 191 -16.55 29.10 4.26
N TYR A 192 -17.05 28.11 4.96
CA TYR A 192 -16.72 26.73 4.63
C TYR A 192 -17.21 26.38 3.24
N ILE A 193 -18.42 26.83 2.92
CA ILE A 193 -18.99 26.52 1.61
C ILE A 193 -18.24 27.25 0.51
N GLN A 194 -17.80 28.47 0.83
CA GLN A 194 -17.08 29.30 -0.10
C GLN A 194 -15.73 28.67 -0.39
N HIS A 195 -15.04 28.28 0.67
CA HIS A 195 -13.76 27.61 0.49
C HIS A 195 -13.96 26.29 -0.26
N ALA A 196 -15.06 25.59 0.00
CA ALA A 196 -15.35 24.38 -0.77
C ALA A 196 -15.54 24.72 -2.25
N LYS A 197 -16.32 25.76 -2.53
CA LYS A 197 -16.54 26.18 -3.90
C LYS A 197 -15.22 26.47 -4.55
N GLU A 198 -14.32 27.09 -3.81
CA GLU A 198 -13.03 27.49 -4.36
C GLU A 198 -12.23 26.26 -4.72
N ASP A 199 -12.31 25.23 -3.88
CA ASP A 199 -11.59 24.01 -4.16
C ASP A 199 -12.19 23.24 -5.33
N GLU A 200 -13.49 23.40 -5.54
CA GLU A 200 -14.17 22.83 -6.70
C GLU A 200 -13.52 23.37 -7.95
N THR A 201 -13.27 24.67 -7.96
CA THR A 201 -12.60 25.30 -9.09
C THR A 201 -11.18 24.76 -9.21
N ARG A 202 -10.51 24.64 -8.07
CA ARG A 202 -9.17 24.09 -8.02
C ARG A 202 -9.12 22.70 -8.63
N TYR A 203 -10.03 21.83 -8.19
CA TYR A 203 -10.02 20.46 -8.64
C TYR A 203 -10.30 20.40 -10.15
N HIS A 204 -11.31 21.15 -10.58
CA HIS A 204 -11.66 21.21 -11.99
C HIS A 204 -10.44 21.52 -12.85
N ASN A 205 -9.79 22.65 -12.56
CA ASN A 205 -8.59 23.03 -13.29
C ASN A 205 -7.54 21.92 -13.28
N GLU A 206 -7.24 21.38 -12.11
CA GLU A 206 -6.11 20.46 -11.97
C GLU A 206 -6.38 19.18 -12.74
N MSE A 207 -7.62 18.70 -12.66
CA MSE A 207 -8.06 17.56 -13.46
C MSE A 207 -7.91 17.81 -14.96
O MSE A 207 -7.37 16.99 -15.69
CB MSE A 207 -9.51 17.21 -13.12
CG MSE A 207 -9.67 16.54 -11.80
SE MSE A 207 -8.53 14.94 -11.58
CE MSE A 207 -9.64 13.67 -12.57
N LYS A 208 -8.38 18.97 -15.42
CA LYS A 208 -8.22 19.35 -16.83
C LYS A 208 -6.80 19.11 -17.27
N SER A 209 -5.84 19.69 -16.54
CA SER A 209 -4.44 19.65 -16.92
C SER A 209 -3.91 18.24 -16.85
N TRP A 210 -4.23 17.55 -15.76
CA TRP A 210 -3.78 16.19 -15.58
C TRP A 210 -4.30 15.30 -16.72
N GLU A 211 -5.61 15.30 -16.93
CA GLU A 211 -6.18 14.42 -17.94
C GLU A 211 -5.58 14.63 -19.32
N GLU A 212 -5.22 15.88 -19.64
CA GLU A 212 -4.52 16.18 -20.88
C GLU A 212 -3.11 15.57 -20.87
N GLN A 213 -2.40 15.76 -19.78
CA GLN A 213 -1.07 15.18 -19.65
C GLN A 213 -1.13 13.67 -19.79
N MSE A 214 -2.21 13.07 -19.31
CA MSE A 214 -2.39 11.61 -19.43
C MSE A 214 -2.65 11.20 -20.87
O MSE A 214 -2.32 10.09 -21.28
CB MSE A 214 -3.52 11.12 -18.53
CG MSE A 214 -3.25 11.21 -17.02
SE MSE A 214 -1.63 10.28 -16.45
CE MSE A 214 -0.42 11.80 -16.39
N ILE A 215 -3.26 12.10 -21.64
CA ILE A 215 -3.48 11.86 -23.06
C ILE A 215 -2.14 11.76 -23.78
N GLU A 216 -1.25 12.71 -23.52
CA GLU A 216 0.07 12.73 -24.14
C GLU A 216 0.78 11.41 -23.91
N VAL A 217 0.73 10.92 -22.67
CA VAL A 217 1.35 9.65 -22.30
C VAL A 217 0.50 8.46 -22.76
N GLY A 218 -0.58 8.75 -23.50
CA GLY A 218 -1.40 7.71 -24.10
C GLY A 218 -2.20 6.89 -23.11
N ARG A 219 -2.69 7.53 -22.06
CA ARG A 219 -3.44 6.82 -21.05
C ARG A 219 -4.83 7.40 -20.82
N LYS A 220 -5.60 7.52 -21.91
CA LYS A 220 -6.96 8.03 -21.81
C LYS A 220 -7.85 7.08 -21.00
N ASP A 221 -7.29 5.93 -20.65
CA ASP A 221 -8.00 4.96 -19.82
C ASP A 221 -8.09 5.46 -18.38
N LEU A 222 -7.13 6.27 -17.98
CA LEU A 222 -7.16 6.88 -16.65
C LEU A 222 -8.13 8.06 -16.58
N LEU A 223 -8.63 8.48 -17.73
CA LEU A 223 -9.58 9.58 -17.80
C LEU A 223 -10.96 9.21 -17.28
N ARG A 224 -11.67 10.21 -16.79
CA ARG A 224 -13.02 10.00 -16.29
C ARG A 224 -13.98 9.73 -17.46
N ARG A 225 -14.86 8.76 -17.27
CA ARG A 225 -15.89 8.45 -18.26
C ARG A 225 -16.95 9.55 -18.27
N THR A 226 -17.19 10.12 -17.10
CA THR A 226 -18.24 11.10 -16.89
C THR A 226 -17.79 12.24 -15.95
N ILE A 227 -17.87 13.47 -16.44
CA ILE A 227 -17.71 14.68 -15.63
C ILE A 227 -19.09 15.34 -15.55
N LYS A 228 -19.21 16.46 -14.85
CA LYS A 228 -20.51 17.14 -14.75
C LYS A 228 -20.49 18.60 -15.22
N LYS A 229 -19.82 19.45 -14.45
CA LYS A 229 -19.79 20.87 -14.75
C LYS A 229 -18.36 21.42 -14.67
#